data_6U8O
#
_entry.id   6U8O
#
_cell.length_a   57.831
_cell.length_b   50.200
_cell.length_c   62.409
_cell.angle_alpha   90.000
_cell.angle_beta   112.970
_cell.angle_gamma   90.000
#
_symmetry.space_group_name_H-M   'P 1 21 1'
#
loop_
_entity.id
_entity.type
_entity.pdbx_description
1 polymer 'WD repeat-containing protein 5'
2 non-polymer 5-bromo-N-[5-(1-cyanocyclobutyl)-2-hydroxyphenyl]-2-hydroxybenzene-1-sulfonamide
3 water water
#
_entity_poly.entity_id   1
_entity_poly.type   'polypeptide(L)'
_entity_poly.pdbx_seq_one_letter_code
;VKPNYALKFTLAGHTKAVSSVKFSPNGEWLASSSADKLIKIWGAYDGKFEKTISGHKLGISDVAWSSDSNLLVSASDDKT
LKIWDVSSGKCLKTLKGHSNYVFCCNFNPQSNLIVSGSFDESVRIWDVKTGKCLKTLPAHSDPVSAVHFNRDGSLIVSSS
YDGLCRIWDTASGQCLKTLIDDDNPPVSFVKFSPNGKYILAATLDNTLKLWDYSKGKCLKTYTGHKNEKYCIFANFSVTG
GKWIVSGSEDNLVYIWNLQTKEIVQKLQGHTDVVISTACHPTENIIASAALENDKTIKLWKSDC
;
_entity_poly.pdbx_strand_id   A
#
loop_
_chem_comp.id
_chem_comp.type
_chem_comp.name
_chem_comp.formula
Q1G non-polymer 5-bromo-N-[5-(1-cyanocyclobutyl)-2-hydroxyphenyl]-2-hydroxybenzene-1-sulfonamide 'C17 H15 Br N2 O4 S'
#
# COMPACT_ATOMS: atom_id res chain seq x y z
N VAL A 1 14.82 -22.26 9.94
CA VAL A 1 15.05 -21.17 9.03
C VAL A 1 14.00 -20.11 9.30
N LYS A 2 14.53 -18.93 9.40
CA LYS A 2 13.83 -17.74 9.85
C LYS A 2 14.65 -16.54 9.45
N PRO A 3 14.01 -15.41 9.18
CA PRO A 3 14.76 -14.17 9.02
C PRO A 3 15.21 -13.66 10.37
N ASN A 4 16.13 -12.70 10.35
CA ASN A 4 16.62 -12.09 11.59
C ASN A 4 16.67 -10.57 11.44
N TYR A 5 15.53 -9.99 11.06
CA TYR A 5 15.44 -8.54 10.91
C TYR A 5 15.80 -7.84 12.20
N ALA A 6 16.69 -6.85 12.09
CA ALA A 6 17.17 -6.06 13.22
C ALA A 6 17.05 -4.59 12.88
N LEU A 7 16.71 -3.79 13.89
CA LEU A 7 16.51 -2.36 13.67
C LEU A 7 17.83 -1.68 13.34
N LYS A 8 17.85 -0.94 12.24
CA LYS A 8 19.04 -0.21 11.81
C LYS A 8 18.90 1.30 11.90
N PHE A 9 17.75 1.86 11.52
CA PHE A 9 17.56 3.31 11.52
C PHE A 9 16.14 3.66 11.92
N THR A 10 16.00 4.80 12.58
CA THR A 10 14.70 5.40 12.87
C THR A 10 14.61 6.74 12.16
N LEU A 11 13.54 6.93 11.40
CA LEU A 11 13.37 8.09 10.51
C LEU A 11 12.30 8.98 11.10
N ALA A 12 12.71 10.09 11.72
CA ALA A 12 11.82 11.01 12.40
C ALA A 12 11.73 12.33 11.65
N GLY A 13 10.56 12.96 11.73
CA GLY A 13 10.38 14.25 11.08
C GLY A 13 8.94 14.61 10.81
N HIS A 14 8.12 13.63 10.48
CA HIS A 14 6.69 13.89 10.37
C HIS A 14 6.14 14.35 11.71
N THR A 15 5.14 15.23 11.65
CA THR A 15 4.55 15.80 12.86
C THR A 15 3.21 15.20 13.21
N LYS A 16 2.70 14.27 12.40
CA LYS A 16 1.50 13.51 12.71
C LYS A 16 1.71 12.07 12.26
N ALA A 17 0.65 11.27 12.37
CA ALA A 17 0.70 9.86 11.99
C ALA A 17 1.27 9.70 10.58
N VAL A 18 2.15 8.71 10.42
CA VAL A 18 2.58 8.30 9.09
C VAL A 18 1.56 7.32 8.53
N SER A 19 1.21 7.50 7.25
CA SER A 19 0.13 6.71 6.66
C SER A 19 0.60 5.64 5.68
N SER A 20 1.78 5.81 5.08
N SER A 20 1.76 5.83 5.03
CA SER A 20 2.25 4.87 4.07
CA SER A 20 2.23 4.82 4.08
C SER A 20 3.74 5.06 3.87
C SER A 20 3.70 5.05 3.79
N VAL A 21 4.43 3.96 3.57
CA VAL A 21 5.83 4.00 3.13
C VAL A 21 5.99 3.07 1.95
N LYS A 22 6.83 3.46 0.99
CA LYS A 22 7.05 2.71 -0.25
C LYS A 22 8.49 2.88 -0.70
N PHE A 23 9.13 1.76 -1.08
CA PHE A 23 10.46 1.81 -1.66
C PHE A 23 10.38 2.07 -3.17
N SER A 24 11.30 2.90 -3.68
CA SER A 24 11.33 3.15 -5.10
C SER A 24 11.76 1.89 -5.85
N PRO A 25 11.28 1.69 -7.08
CA PRO A 25 11.65 0.48 -7.83
C PRO A 25 13.14 0.35 -8.08
N ASN A 26 13.90 1.45 -8.13
CA ASN A 26 15.33 1.34 -8.34
C ASN A 26 16.10 1.10 -7.04
N GLY A 27 15.40 0.96 -5.91
CA GLY A 27 16.01 0.60 -4.65
C GLY A 27 16.69 1.72 -3.89
N GLU A 28 16.73 2.93 -4.45
CA GLU A 28 17.53 3.99 -3.83
C GLU A 28 16.78 4.74 -2.74
N TRP A 29 15.44 4.78 -2.79
CA TRP A 29 14.71 5.74 -1.98
C TRP A 29 13.53 5.08 -1.28
N LEU A 30 13.12 5.73 -0.18
CA LEU A 30 11.87 5.46 0.52
C LEU A 30 11.04 6.73 0.50
N ALA A 31 9.75 6.60 0.21
CA ALA A 31 8.81 7.71 0.29
C ALA A 31 7.80 7.44 1.40
N SER A 32 7.47 8.48 2.15
CA SER A 32 6.48 8.38 3.22
C SER A 32 5.44 9.47 3.06
N SER A 33 4.19 9.13 3.39
CA SER A 33 3.10 10.09 3.44
C SER A 33 2.57 10.17 4.86
N SER A 34 1.91 11.28 5.18
CA SER A 34 1.50 11.49 6.57
C SER A 34 0.24 12.34 6.66
N ALA A 35 -0.43 12.21 7.81
CA ALA A 35 -1.56 13.08 8.14
C ALA A 35 -1.14 14.53 8.30
N ASP A 36 0.16 14.83 8.33
CA ASP A 36 0.63 16.21 8.41
C ASP A 36 0.65 16.89 7.04
N LYS A 37 0.07 16.27 6.01
CA LYS A 37 -0.09 16.78 4.65
C LYS A 37 1.22 16.74 3.86
N LEU A 38 2.26 16.07 4.35
CA LEU A 38 3.57 16.10 3.72
C LEU A 38 3.97 14.73 3.19
N ILE A 39 4.80 14.75 2.15
CA ILE A 39 5.55 13.60 1.67
C ILE A 39 7.01 13.84 2.02
N LYS A 40 7.70 12.81 2.50
CA LYS A 40 9.13 12.91 2.72
C LYS A 40 9.85 11.78 2.00
N ILE A 41 11.04 12.11 1.49
CA ILE A 41 11.90 11.17 0.78
C ILE A 41 13.12 10.88 1.64
N TRP A 42 13.51 9.62 1.72
CA TRP A 42 14.62 9.17 2.55
C TRP A 42 15.47 8.19 1.77
N GLY A 43 16.76 8.12 2.12
CA GLY A 43 17.63 7.11 1.53
C GLY A 43 17.24 5.72 2.01
N ALA A 44 17.14 4.78 1.07
CA ALA A 44 16.63 3.45 1.41
C ALA A 44 17.64 2.65 2.22
N TYR A 45 18.94 2.90 2.05
CA TYR A 45 19.96 2.11 2.70
C TYR A 45 20.47 2.72 3.99
N ASP A 46 20.45 4.04 4.13
CA ASP A 46 20.95 4.70 5.32
C ASP A 46 19.90 5.53 6.05
N GLY A 47 18.67 5.59 5.55
CA GLY A 47 17.61 6.36 6.21
C GLY A 47 17.82 7.85 6.20
N LYS A 48 18.77 8.37 5.42
CA LYS A 48 19.07 9.79 5.46
C LYS A 48 17.95 10.59 4.82
N PHE A 49 17.47 11.61 5.54
CA PHE A 49 16.45 12.50 4.99
C PHE A 49 16.95 13.17 3.72
N GLU A 50 16.10 13.21 2.71
CA GLU A 50 16.45 13.82 1.43
C GLU A 50 15.63 15.06 1.12
N LYS A 51 14.30 14.99 1.21
CA LYS A 51 13.50 16.19 0.94
C LYS A 51 12.08 16.01 1.45
N THR A 52 11.41 17.15 1.64
CA THR A 52 10.00 17.22 1.95
C THR A 52 9.25 17.76 0.74
N ILE A 53 8.13 17.12 0.41
CA ILE A 53 7.30 17.51 -0.73
C ILE A 53 5.94 17.94 -0.20
N SER A 54 5.50 19.14 -0.56
N SER A 54 5.51 19.15 -0.58
CA SER A 54 4.31 19.73 0.04
CA SER A 54 4.34 19.80 0.02
C SER A 54 3.39 20.32 -1.03
C SER A 54 3.39 20.28 -1.06
N GLY A 55 2.10 20.39 -0.69
CA GLY A 55 1.11 20.92 -1.60
C GLY A 55 -0.32 20.55 -1.29
N HIS A 56 -0.55 19.34 -0.78
CA HIS A 56 -1.88 18.93 -0.38
C HIS A 56 -2.39 19.82 0.76
N LYS A 57 -3.70 20.06 0.78
CA LYS A 57 -4.28 20.93 1.80
C LYS A 57 -4.95 20.17 2.93
N LEU A 58 -4.99 18.83 2.87
CA LEU A 58 -5.39 17.99 3.99
C LEU A 58 -4.47 16.77 4.00
N GLY A 59 -4.64 15.92 5.01
CA GLY A 59 -3.73 14.79 5.19
C GLY A 59 -3.74 13.83 4.01
N ILE A 60 -2.68 13.02 3.95
CA ILE A 60 -2.44 12.09 2.84
C ILE A 60 -2.49 10.66 3.38
N SER A 61 -3.20 9.80 2.66
CA SER A 61 -3.36 8.40 3.07
C SER A 61 -2.41 7.44 2.37
N ASP A 62 -1.87 7.79 1.20
CA ASP A 62 -1.13 6.83 0.40
C ASP A 62 -0.24 7.57 -0.58
N VAL A 63 0.88 6.94 -0.92
N VAL A 63 0.87 6.94 -0.93
CA VAL A 63 1.80 7.44 -1.94
CA VAL A 63 1.78 7.39 -1.95
C VAL A 63 2.31 6.24 -2.73
C VAL A 63 2.27 6.20 -2.77
N ALA A 64 2.69 6.46 -3.98
CA ALA A 64 3.15 5.37 -4.83
C ALA A 64 4.13 5.88 -5.86
N TRP A 65 5.08 5.02 -6.26
CA TRP A 65 6.15 5.35 -7.19
C TRP A 65 5.80 4.93 -8.62
N SER A 66 6.25 5.73 -9.58
CA SER A 66 6.27 5.27 -10.97
C SER A 66 7.39 4.24 -11.16
N SER A 67 7.31 3.51 -12.27
N SER A 67 7.32 3.50 -12.26
CA SER A 67 8.23 2.40 -12.51
CA SER A 67 8.25 2.39 -12.48
C SER A 67 9.67 2.87 -12.70
C SER A 67 9.68 2.87 -12.71
N ASP A 68 9.86 4.08 -13.22
CA ASP A 68 11.20 4.61 -13.44
C ASP A 68 11.75 5.38 -12.24
N SER A 69 11.04 5.35 -11.11
CA SER A 69 11.42 5.97 -9.84
C SER A 69 11.49 7.49 -9.93
N ASN A 70 10.93 8.09 -10.98
CA ASN A 70 11.01 9.54 -11.15
C ASN A 70 9.76 10.28 -10.67
N LEU A 71 8.61 9.61 -10.58
CA LEU A 71 7.38 10.25 -10.18
C LEU A 71 6.78 9.59 -8.95
N LEU A 72 5.98 10.37 -8.22
CA LEU A 72 5.13 9.87 -7.15
C LEU A 72 3.69 10.30 -7.42
N VAL A 73 2.75 9.51 -6.94
CA VAL A 73 1.35 9.92 -6.86
C VAL A 73 0.91 9.79 -5.41
N SER A 74 0.12 10.75 -4.93
CA SER A 74 -0.35 10.78 -3.56
C SER A 74 -1.86 10.91 -3.54
N ALA A 75 -2.49 10.34 -2.51
CA ALA A 75 -3.93 10.33 -2.36
C ALA A 75 -4.29 11.00 -1.06
N SER A 76 -5.17 12.01 -1.12
CA SER A 76 -5.37 12.92 0.00
C SER A 76 -6.84 13.05 0.40
N ASP A 77 -7.05 13.43 1.67
CA ASP A 77 -8.37 13.79 2.16
C ASP A 77 -8.94 15.02 1.47
N ASP A 78 -8.12 15.79 0.76
CA ASP A 78 -8.62 16.96 0.07
C ASP A 78 -9.34 16.62 -1.24
N LYS A 79 -9.59 15.32 -1.48
CA LYS A 79 -10.35 14.77 -2.58
C LYS A 79 -9.56 14.70 -3.88
N THR A 80 -8.27 15.03 -3.85
CA THR A 80 -7.45 14.96 -5.05
C THR A 80 -6.35 13.92 -4.91
N LEU A 81 -5.80 13.56 -6.05
CA LEU A 81 -4.47 12.98 -6.12
C LEU A 81 -3.54 14.00 -6.76
N LYS A 82 -2.26 13.89 -6.45
CA LYS A 82 -1.26 14.76 -7.07
C LYS A 82 -0.12 13.90 -7.61
N ILE A 83 0.31 14.23 -8.82
CA ILE A 83 1.48 13.64 -9.44
C ILE A 83 2.67 14.56 -9.19
N TRP A 84 3.78 13.99 -8.73
CA TRP A 84 4.94 14.77 -8.33
C TRP A 84 6.18 14.36 -9.11
N ASP A 85 6.98 15.34 -9.50
CA ASP A 85 8.35 15.08 -9.94
C ASP A 85 9.23 15.01 -8.70
N VAL A 86 9.83 13.84 -8.46
CA VAL A 86 10.54 13.63 -7.19
C VAL A 86 11.80 14.49 -7.11
N SER A 87 12.53 14.62 -8.23
N SER A 87 12.52 14.62 -8.23
CA SER A 87 13.80 15.34 -8.19
CA SER A 87 13.79 15.33 -8.20
C SER A 87 13.61 16.81 -7.90
C SER A 87 13.60 16.81 -7.89
N SER A 88 12.54 17.41 -8.42
CA SER A 88 12.28 18.84 -8.21
C SER A 88 11.30 19.12 -7.08
N GLY A 89 10.47 18.14 -6.70
CA GLY A 89 9.41 18.38 -5.73
C GLY A 89 8.19 19.06 -6.30
N LYS A 90 8.15 19.32 -7.61
CA LYS A 90 7.06 20.06 -8.21
C LYS A 90 5.85 19.16 -8.42
N CYS A 91 4.66 19.72 -8.17
CA CYS A 91 3.41 19.06 -8.52
C CYS A 91 3.18 19.22 -10.01
N LEU A 92 3.14 18.09 -10.73
CA LEU A 92 2.95 18.13 -12.17
C LEU A 92 1.47 18.23 -12.54
N LYS A 93 0.61 17.48 -11.85
CA LYS A 93 -0.82 17.46 -12.12
C LYS A 93 -1.56 17.27 -10.82
N THR A 94 -2.76 17.85 -10.75
CA THR A 94 -3.70 17.58 -9.67
C THR A 94 -4.91 16.89 -10.27
N LEU A 95 -5.19 15.68 -9.79
CA LEU A 95 -6.23 14.82 -10.37
C LEU A 95 -7.53 15.04 -9.60
N LYS A 96 -8.49 15.70 -10.22
CA LYS A 96 -9.76 16.06 -9.59
C LYS A 96 -10.90 15.25 -10.21
N GLY A 97 -11.80 14.77 -9.36
CA GLY A 97 -12.92 13.98 -9.82
C GLY A 97 -13.63 13.23 -8.72
N HIS A 98 -12.88 12.68 -7.76
CA HIS A 98 -13.49 12.05 -6.60
C HIS A 98 -14.27 13.08 -5.80
N SER A 99 -15.35 12.62 -5.17
CA SER A 99 -16.22 13.51 -4.40
C SER A 99 -16.03 13.37 -2.89
N ASN A 100 -15.02 12.63 -2.45
CA ASN A 100 -14.70 12.53 -1.03
C ASN A 100 -13.24 12.09 -0.94
N TYR A 101 -12.79 11.74 0.28
CA TYR A 101 -11.38 11.43 0.50
C TYR A 101 -10.90 10.36 -0.45
N VAL A 102 -9.67 10.52 -0.96
CA VAL A 102 -9.00 9.49 -1.73
C VAL A 102 -8.09 8.71 -0.79
N PHE A 103 -8.25 7.39 -0.78
CA PHE A 103 -7.62 6.52 0.22
C PHE A 103 -6.43 5.74 -0.30
N CYS A 104 -6.39 5.39 -1.60
CA CYS A 104 -5.38 4.49 -2.12
C CYS A 104 -5.06 4.81 -3.57
N CYS A 105 -3.83 4.50 -3.99
CA CYS A 105 -3.38 4.82 -5.33
C CYS A 105 -2.22 3.92 -5.74
N ASN A 106 -2.04 3.79 -7.06
CA ASN A 106 -0.93 3.02 -7.63
C ASN A 106 -0.78 3.37 -9.10
N PHE A 107 0.48 3.37 -9.58
CA PHE A 107 0.75 3.38 -11.00
C PHE A 107 0.63 1.97 -11.58
N ASN A 108 0.37 1.89 -12.88
CA ASN A 108 0.49 0.62 -13.58
C ASN A 108 1.95 0.40 -13.97
N PRO A 109 2.32 -0.82 -14.36
CA PRO A 109 3.75 -1.09 -14.64
C PRO A 109 4.37 -0.18 -15.69
N GLN A 110 3.64 0.13 -16.77
CA GLN A 110 4.19 1.07 -17.74
C GLN A 110 4.15 2.51 -17.23
N SER A 111 3.35 2.76 -16.19
CA SER A 111 3.24 4.05 -15.50
C SER A 111 2.66 5.14 -16.38
N ASN A 112 1.82 4.76 -17.30
CA ASN A 112 1.10 5.70 -18.09
C ASN A 112 -0.30 5.91 -17.47
N LEU A 113 -0.66 5.07 -16.52
CA LEU A 113 -1.95 5.11 -15.86
C LEU A 113 -1.78 5.16 -14.35
N ILE A 114 -2.77 5.76 -13.69
CA ILE A 114 -2.89 5.74 -12.23
C ILE A 114 -4.28 5.20 -11.89
N VAL A 115 -4.35 4.35 -10.86
CA VAL A 115 -5.61 3.88 -10.32
C VAL A 115 -5.78 4.43 -8.90
N SER A 116 -7.02 4.78 -8.54
CA SER A 116 -7.30 5.38 -7.25
C SER A 116 -8.60 4.81 -6.69
N GLY A 117 -8.68 4.80 -5.36
CA GLY A 117 -9.90 4.40 -4.68
C GLY A 117 -10.24 5.39 -3.59
N SER A 118 -11.54 5.58 -3.38
CA SER A 118 -12.00 6.72 -2.59
C SER A 118 -13.09 6.32 -1.61
N PHE A 119 -13.27 7.18 -0.60
CA PHE A 119 -14.44 7.11 0.28
C PHE A 119 -15.73 7.22 -0.50
N ASP A 120 -15.70 7.84 -1.70
CA ASP A 120 -16.91 7.99 -2.50
C ASP A 120 -17.34 6.69 -3.17
N GLU A 121 -16.66 5.58 -2.89
CA GLU A 121 -17.00 4.19 -3.26
C GLU A 121 -16.66 3.87 -4.71
N SER A 122 -15.94 4.74 -5.42
CA SER A 122 -15.57 4.49 -6.80
C SER A 122 -14.08 4.19 -6.92
N VAL A 123 -13.73 3.56 -8.03
CA VAL A 123 -12.35 3.42 -8.49
C VAL A 123 -12.21 4.23 -9.77
N ARG A 124 -11.17 5.06 -9.85
N ARG A 124 -11.17 5.05 -9.86
CA ARG A 124 -10.94 5.87 -11.03
CA ARG A 124 -10.92 5.83 -11.03
C ARG A 124 -9.59 5.51 -11.67
C ARG A 124 -9.57 5.52 -11.68
N ILE A 125 -9.55 5.59 -13.00
CA ILE A 125 -8.35 5.33 -13.78
C ILE A 125 -7.98 6.62 -14.50
N TRP A 126 -6.74 7.06 -14.30
CA TRP A 126 -6.30 8.38 -14.75
C TRP A 126 -5.18 8.27 -15.76
N ASP A 127 -5.13 9.22 -16.68
CA ASP A 127 -4.03 9.34 -17.64
C ASP A 127 -2.94 10.22 -17.04
N VAL A 128 -1.75 9.64 -16.87
CA VAL A 128 -0.65 10.36 -16.22
C VAL A 128 -0.27 11.60 -17.00
N LYS A 129 -0.20 11.49 -18.33
CA LYS A 129 0.32 12.59 -19.15
C LYS A 129 -0.61 13.80 -19.14
N THR A 130 -1.91 13.57 -19.27
CA THR A 130 -2.87 14.67 -19.32
C THR A 130 -3.48 15.00 -17.96
N GLY A 131 -3.38 14.09 -17.00
CA GLY A 131 -3.99 14.31 -15.70
C GLY A 131 -5.49 14.15 -15.67
N LYS A 132 -6.10 13.63 -16.73
CA LYS A 132 -7.54 13.53 -16.84
C LYS A 132 -8.02 12.12 -16.48
N CYS A 133 -9.24 12.05 -15.97
CA CYS A 133 -9.85 10.77 -15.63
C CYS A 133 -10.35 10.07 -16.91
N LEU A 134 -9.92 8.83 -17.09
CA LEU A 134 -10.32 8.05 -18.25
C LEU A 134 -11.56 7.21 -17.98
N LYS A 135 -11.66 6.62 -16.79
CA LYS A 135 -12.78 5.78 -16.43
C LYS A 135 -13.14 5.98 -14.96
N THR A 136 -14.44 5.94 -14.67
CA THR A 136 -14.94 5.89 -13.30
C THR A 136 -15.69 4.58 -13.14
N LEU A 137 -15.15 3.70 -12.28
CA LEU A 137 -15.78 2.39 -12.07
C LEU A 137 -16.69 2.44 -10.84
N PRO A 138 -17.98 2.05 -10.97
CA PRO A 138 -18.86 1.95 -9.79
C PRO A 138 -18.53 0.70 -8.99
N ALA A 139 -17.40 0.76 -8.30
CA ALA A 139 -16.70 -0.45 -7.89
C ALA A 139 -17.33 -1.09 -6.65
N HIS A 140 -17.80 -0.29 -5.69
CA HIS A 140 -18.15 -0.82 -4.38
C HIS A 140 -19.32 -0.01 -3.82
N SER A 141 -19.84 -0.48 -2.67
CA SER A 141 -20.90 0.21 -1.96
C SER A 141 -20.45 0.66 -0.57
N ASP A 142 -19.15 0.77 -0.37
CA ASP A 142 -18.53 1.33 0.83
C ASP A 142 -17.18 1.86 0.40
N PRO A 143 -16.49 2.61 1.27
CA PRO A 143 -15.18 3.16 0.88
C PRO A 143 -14.24 2.08 0.35
N VAL A 144 -13.42 2.47 -0.62
CA VAL A 144 -12.46 1.57 -1.26
C VAL A 144 -11.15 1.62 -0.47
N SER A 145 -10.69 0.46 -0.01
CA SER A 145 -9.55 0.40 0.88
C SER A 145 -8.21 0.18 0.17
N ALA A 146 -8.22 -0.44 -1.02
CA ALA A 146 -6.97 -0.69 -1.72
C ALA A 146 -7.25 -0.85 -3.22
N VAL A 147 -6.25 -0.47 -4.03
CA VAL A 147 -6.26 -0.69 -5.47
C VAL A 147 -4.84 -1.05 -5.91
N HIS A 148 -4.73 -2.00 -6.84
CA HIS A 148 -3.42 -2.51 -7.25
C HIS A 148 -3.50 -3.10 -8.66
N PHE A 149 -2.49 -2.79 -9.48
CA PHE A 149 -2.33 -3.40 -10.79
C PHE A 149 -1.56 -4.71 -10.66
N ASN A 150 -1.86 -5.65 -11.56
CA ASN A 150 -1.05 -6.87 -11.63
C ASN A 150 0.25 -6.58 -12.37
N ARG A 151 1.11 -7.58 -12.47
CA ARG A 151 2.45 -7.36 -12.98
C ARG A 151 2.61 -6.90 -14.38
N ASP A 152 1.63 -7.17 -15.21
CA ASP A 152 1.65 -6.66 -16.57
C ASP A 152 0.73 -5.48 -16.78
N GLY A 153 -0.16 -5.19 -15.83
CA GLY A 153 -1.05 -4.05 -15.93
C GLY A 153 -2.39 -4.33 -16.58
N SER A 154 -2.65 -5.57 -16.99
CA SER A 154 -3.92 -5.88 -17.64
C SER A 154 -5.09 -5.96 -16.65
N LEU A 155 -4.81 -6.05 -15.36
CA LEU A 155 -5.85 -6.21 -14.35
C LEU A 155 -5.63 -5.24 -13.20
N ILE A 156 -6.76 -4.89 -12.57
CA ILE A 156 -6.79 -4.13 -11.33
C ILE A 156 -7.53 -4.97 -10.30
N VAL A 157 -7.04 -5.00 -9.07
CA VAL A 157 -7.80 -5.56 -7.96
C VAL A 157 -8.15 -4.43 -6.99
N SER A 158 -9.39 -4.43 -6.51
CA SER A 158 -9.86 -3.44 -5.55
C SER A 158 -10.50 -4.16 -4.37
N SER A 159 -10.49 -3.50 -3.22
CA SER A 159 -11.09 -4.05 -2.02
C SER A 159 -11.91 -2.97 -1.34
N SER A 160 -12.84 -3.43 -0.52
CA SER A 160 -13.68 -2.51 0.18
C SER A 160 -14.26 -3.09 1.46
N TYR A 161 -14.78 -2.19 2.23
N TYR A 161 -14.77 -2.18 2.23
CA TYR A 161 -15.44 -2.43 3.50
CA TYR A 161 -15.43 -2.41 3.50
C TYR A 161 -16.82 -3.00 3.29
C TYR A 161 -16.80 -3.01 3.27
N ASP A 162 -17.39 -2.77 2.09
CA ASP A 162 -18.49 -3.67 1.75
C ASP A 162 -18.18 -5.16 1.76
N GLY A 163 -16.92 -5.58 1.90
CA GLY A 163 -16.60 -6.99 2.04
C GLY A 163 -16.19 -7.70 0.77
N LEU A 164 -16.07 -6.99 -0.34
CA LEU A 164 -15.75 -7.58 -1.63
C LEU A 164 -14.32 -7.29 -2.04
N CYS A 165 -13.73 -8.24 -2.76
CA CYS A 165 -12.59 -8.00 -3.64
C CYS A 165 -13.09 -8.16 -5.07
N ARG A 166 -12.71 -7.25 -5.96
CA ARG A 166 -13.13 -7.33 -7.35
C ARG A 166 -11.94 -7.19 -8.27
N ILE A 167 -11.96 -7.97 -9.36
CA ILE A 167 -10.93 -7.96 -10.38
C ILE A 167 -11.49 -7.25 -11.60
N TRP A 168 -10.76 -6.28 -12.12
CA TRP A 168 -11.21 -5.44 -13.22
C TRP A 168 -10.29 -5.56 -14.42
N ASP A 169 -10.87 -5.53 -15.62
CA ASP A 169 -10.08 -5.44 -16.84
C ASP A 169 -9.69 -3.98 -17.07
N THR A 170 -8.39 -3.70 -17.09
CA THR A 170 -7.92 -2.32 -17.18
C THR A 170 -8.42 -1.65 -18.45
N ALA A 171 -8.39 -2.37 -19.57
CA ALA A 171 -8.70 -1.75 -20.86
C ALA A 171 -10.18 -1.42 -20.99
N SER A 172 -11.05 -2.30 -20.51
CA SER A 172 -12.49 -2.14 -20.70
C SER A 172 -13.22 -1.62 -19.47
N GLY A 173 -12.64 -1.78 -18.29
CA GLY A 173 -13.33 -1.41 -17.06
C GLY A 173 -14.34 -2.42 -16.58
N GLN A 174 -14.38 -3.58 -17.17
CA GLN A 174 -15.36 -4.52 -16.76
C GLN A 174 -14.94 -5.32 -15.57
N CYS A 175 -15.90 -5.69 -14.76
CA CYS A 175 -15.61 -6.54 -13.61
C CYS A 175 -15.54 -7.98 -14.08
N LEU A 176 -14.38 -8.61 -13.88
CA LEU A 176 -14.17 -9.98 -14.31
C LEU A 176 -14.43 -11.00 -13.20
N LYS A 177 -14.36 -10.60 -11.94
CA LYS A 177 -14.55 -11.52 -10.84
C LYS A 177 -14.88 -10.75 -9.57
N THR A 178 -15.74 -11.33 -8.74
CA THR A 178 -16.05 -10.80 -7.42
C THR A 178 -15.85 -11.92 -6.40
N LEU A 179 -15.00 -11.68 -5.41
CA LEU A 179 -14.72 -12.66 -4.36
C LEU A 179 -15.63 -12.37 -3.17
N ILE A 180 -16.40 -13.36 -2.75
CA ILE A 180 -17.45 -13.19 -1.76
C ILE A 180 -17.19 -14.11 -0.57
N ASP A 181 -17.38 -13.58 0.63
CA ASP A 181 -17.29 -14.33 1.88
C ASP A 181 -18.66 -14.29 2.55
N ASP A 182 -19.17 -15.45 2.94
CA ASP A 182 -20.50 -15.51 3.54
C ASP A 182 -20.58 -14.74 4.85
N ASP A 183 -19.49 -14.72 5.63
CA ASP A 183 -19.46 -13.91 6.84
C ASP A 183 -19.18 -12.43 6.54
N ASN A 184 -18.67 -12.14 5.36
CA ASN A 184 -18.55 -10.78 4.83
C ASN A 184 -17.83 -9.77 5.75
N PRO A 185 -16.64 -10.14 6.26
CA PRO A 185 -15.86 -9.14 7.01
C PRO A 185 -15.39 -8.05 6.08
N PRO A 186 -15.29 -6.81 6.56
CA PRO A 186 -14.73 -5.73 5.74
C PRO A 186 -13.34 -6.11 5.25
N VAL A 187 -13.07 -5.84 3.97
CA VAL A 187 -11.75 -6.08 3.39
C VAL A 187 -10.98 -4.77 3.45
N SER A 188 -9.85 -4.79 4.17
CA SER A 188 -9.11 -3.57 4.46
C SER A 188 -7.85 -3.40 3.61
N PHE A 189 -7.45 -4.42 2.86
CA PHE A 189 -6.29 -4.30 1.97
C PHE A 189 -6.29 -5.48 1.01
N VAL A 190 -5.74 -5.24 -0.19
CA VAL A 190 -5.53 -6.31 -1.16
C VAL A 190 -4.41 -5.91 -2.10
N LYS A 191 -3.69 -6.91 -2.61
CA LYS A 191 -2.70 -6.71 -3.66
C LYS A 191 -2.42 -8.04 -4.35
N PHE A 192 -1.96 -7.96 -5.60
CA PHE A 192 -1.59 -9.15 -6.35
C PHE A 192 -0.28 -9.75 -5.83
N SER A 193 -0.14 -11.06 -6.02
CA SER A 193 1.09 -11.75 -5.67
C SER A 193 2.16 -11.46 -6.73
N PRO A 194 3.43 -11.70 -6.39
CA PRO A 194 4.50 -11.46 -7.38
C PRO A 194 4.31 -12.19 -8.70
N ASN A 195 3.81 -13.42 -8.70
CA ASN A 195 3.62 -14.12 -9.97
C ASN A 195 2.31 -13.75 -10.66
N GLY A 196 1.50 -12.88 -10.06
CA GLY A 196 0.27 -12.41 -10.66
C GLY A 196 -0.92 -13.35 -10.57
N LYS A 197 -0.74 -14.54 -10.01
CA LYS A 197 -1.80 -15.55 -9.99
C LYS A 197 -2.67 -15.49 -8.75
N TYR A 198 -2.20 -14.87 -7.67
CA TYR A 198 -2.92 -14.86 -6.41
C TYR A 198 -3.14 -13.43 -5.95
N ILE A 199 -4.06 -13.26 -5.00
CA ILE A 199 -4.19 -11.99 -4.30
C ILE A 199 -4.09 -12.25 -2.80
N LEU A 200 -3.48 -11.30 -2.11
CA LEU A 200 -3.38 -11.29 -0.65
C LEU A 200 -4.37 -10.28 -0.12
N ALA A 201 -5.30 -10.72 0.72
CA ALA A 201 -6.40 -9.88 1.19
C ALA A 201 -6.41 -9.84 2.72
N ALA A 202 -6.52 -8.64 3.27
CA ALA A 202 -6.66 -8.45 4.71
C ALA A 202 -8.11 -8.14 5.04
N THR A 203 -8.65 -8.81 6.05
CA THR A 203 -9.99 -8.54 6.54
C THR A 203 -9.93 -8.11 8.00
N LEU A 204 -10.88 -7.28 8.40
CA LEU A 204 -10.90 -6.70 9.75
C LEU A 204 -11.40 -7.68 10.80
N ASP A 205 -11.09 -8.96 10.63
CA ASP A 205 -11.26 -9.99 11.65
C ASP A 205 -9.91 -10.61 11.99
N ASN A 206 -8.84 -9.82 11.91
CA ASN A 206 -7.49 -10.22 12.30
C ASN A 206 -6.97 -11.35 11.42
N THR A 207 -7.25 -11.27 10.11
CA THR A 207 -6.93 -12.37 9.19
C THR A 207 -6.39 -11.84 7.88
N LEU A 208 -5.34 -12.50 7.39
CA LEU A 208 -4.86 -12.36 6.02
C LEU A 208 -5.09 -13.67 5.28
N LYS A 209 -5.45 -13.58 4.00
CA LYS A 209 -5.68 -14.78 3.21
C LYS A 209 -5.04 -14.64 1.83
N LEU A 210 -4.48 -15.74 1.34
CA LEU A 210 -3.95 -15.84 -0.02
C LEU A 210 -4.97 -16.57 -0.88
N TRP A 211 -5.49 -15.87 -1.90
CA TRP A 211 -6.57 -16.36 -2.74
C TRP A 211 -6.07 -16.64 -4.15
N ASP A 212 -6.53 -17.75 -4.73
CA ASP A 212 -6.51 -17.92 -6.18
C ASP A 212 -7.78 -17.25 -6.70
N TYR A 213 -7.64 -16.05 -7.26
CA TYR A 213 -8.82 -15.29 -7.66
C TYR A 213 -9.52 -15.89 -8.87
N SER A 214 -8.82 -16.64 -9.71
N SER A 214 -8.82 -16.65 -9.66
CA SER A 214 -9.47 -17.28 -10.86
CA SER A 214 -9.47 -17.24 -10.79
C SER A 214 -10.41 -18.40 -10.41
C SER A 214 -10.40 -18.40 -10.39
N LYS A 215 -10.00 -19.16 -9.40
CA LYS A 215 -10.80 -20.26 -8.93
C LYS A 215 -11.66 -19.90 -7.75
N GLY A 216 -11.44 -18.74 -7.15
CA GLY A 216 -12.16 -18.37 -5.95
C GLY A 216 -11.89 -19.30 -4.78
N LYS A 217 -10.64 -19.74 -4.63
CA LYS A 217 -10.25 -20.66 -3.58
C LYS A 217 -9.18 -20.05 -2.70
N CYS A 218 -9.32 -20.23 -1.40
CA CYS A 218 -8.34 -19.75 -0.43
C CYS A 218 -7.27 -20.82 -0.25
N LEU A 219 -6.02 -20.45 -0.49
CA LEU A 219 -4.91 -21.39 -0.38
C LEU A 219 -4.21 -21.34 0.96
N LYS A 220 -4.11 -20.15 1.57
CA LYS A 220 -3.36 -19.96 2.81
C LYS A 220 -4.06 -18.90 3.65
N THR A 221 -3.94 -19.06 4.97
CA THR A 221 -4.48 -18.11 5.93
C THR A 221 -3.41 -17.79 6.95
N TYR A 222 -3.26 -16.50 7.28
CA TYR A 222 -2.25 -16.04 8.22
C TYR A 222 -2.92 -15.27 9.36
N THR A 223 -2.67 -15.69 10.60
N THR A 223 -2.61 -15.68 10.56
CA THR A 223 -3.27 -15.07 11.76
CA THR A 223 -3.19 -15.12 11.73
C THR A 223 -2.23 -14.90 12.86
C THR A 223 -2.22 -14.94 12.88
N GLY A 224 -2.65 -14.31 13.98
CA GLY A 224 -1.80 -14.03 15.11
C GLY A 224 -1.64 -12.57 15.41
N HIS A 225 -1.82 -11.70 14.41
CA HIS A 225 -1.71 -10.26 14.58
C HIS A 225 -3.07 -9.67 14.96
N LYS A 226 -3.12 -8.34 15.06
CA LYS A 226 -4.32 -7.62 15.46
C LYS A 226 -4.69 -6.65 14.34
N ASN A 227 -5.89 -6.82 13.78
CA ASN A 227 -6.34 -5.93 12.70
C ASN A 227 -7.88 -5.97 12.68
N GLU A 228 -8.49 -5.04 13.42
CA GLU A 228 -9.94 -4.89 13.45
C GLU A 228 -10.41 -3.49 13.09
N LYS A 229 -9.49 -2.56 12.80
CA LYS A 229 -9.90 -1.18 12.59
C LYS A 229 -9.28 -0.54 11.36
N TYR A 230 -7.97 -0.67 11.17
CA TYR A 230 -7.27 0.14 10.18
C TYR A 230 -6.98 -0.63 8.90
N CYS A 231 -6.74 0.13 7.82
N CYS A 231 -6.86 0.12 7.81
CA CYS A 231 -6.33 -0.46 6.54
CA CYS A 231 -6.29 -0.39 6.57
C CYS A 231 -4.81 -0.58 6.56
C CYS A 231 -4.80 -0.52 6.77
N ILE A 232 -4.33 -1.75 6.98
CA ILE A 232 -2.91 -2.01 7.19
C ILE A 232 -2.35 -2.70 5.95
N PHE A 233 -1.26 -2.15 5.43
CA PHE A 233 -0.61 -2.75 4.27
C PHE A 233 -0.01 -4.10 4.62
N ALA A 234 0.01 -5.00 3.63
CA ALA A 234 0.71 -6.27 3.74
C ALA A 234 1.55 -6.47 2.48
N ASN A 235 2.58 -7.33 2.58
CA ASN A 235 3.58 -7.47 1.52
C ASN A 235 4.01 -8.91 1.35
N PHE A 236 4.48 -9.21 0.14
CA PHE A 236 5.28 -10.40 -0.16
C PHE A 236 6.74 -10.00 -0.18
N SER A 237 7.59 -10.72 0.55
CA SER A 237 9.02 -10.46 0.56
C SER A 237 9.71 -11.42 -0.40
N VAL A 238 10.38 -10.86 -1.42
CA VAL A 238 10.86 -11.64 -2.56
C VAL A 238 12.37 -11.71 -2.62
N THR A 239 13.08 -11.10 -1.68
CA THR A 239 14.54 -10.98 -1.79
C THR A 239 15.29 -12.12 -1.13
N GLY A 240 14.74 -12.71 -0.08
CA GLY A 240 15.33 -13.87 0.56
C GLY A 240 14.31 -14.99 0.70
N GLY A 241 14.04 -15.40 1.93
CA GLY A 241 12.98 -16.37 2.16
C GLY A 241 11.62 -15.83 1.75
N LYS A 242 10.71 -16.75 1.49
CA LYS A 242 9.35 -16.37 1.05
C LYS A 242 8.52 -16.04 2.29
N TRP A 243 8.42 -14.75 2.61
CA TRP A 243 7.71 -14.30 3.79
C TRP A 243 6.53 -13.40 3.41
N ILE A 244 5.53 -13.39 4.29
CA ILE A 244 4.46 -12.40 4.29
C ILE A 244 4.74 -11.43 5.42
N VAL A 245 4.63 -10.13 5.14
CA VAL A 245 4.95 -9.08 6.10
C VAL A 245 3.74 -8.17 6.26
N SER A 246 3.41 -7.81 7.51
CA SER A 246 2.28 -6.92 7.76
C SER A 246 2.50 -6.15 9.06
N GLY A 247 1.89 -4.96 9.12
CA GLY A 247 1.77 -4.24 10.36
C GLY A 247 0.67 -4.84 11.23
N SER A 248 0.43 -4.19 12.37
CA SER A 248 -0.50 -4.75 13.35
C SER A 248 -0.89 -3.69 14.36
N GLU A 249 -2.09 -3.85 14.92
CA GLU A 249 -2.60 -2.90 15.90
C GLU A 249 -2.08 -3.16 17.30
N ASP A 250 -1.21 -4.15 17.50
CA ASP A 250 -0.46 -4.31 18.74
C ASP A 250 0.96 -3.74 18.62
N ASN A 251 1.20 -2.89 17.61
CA ASN A 251 2.40 -2.09 17.41
C ASN A 251 3.60 -2.91 16.95
N LEU A 252 3.40 -4.13 16.48
CA LEU A 252 4.47 -5.00 15.99
C LEU A 252 4.39 -5.14 14.48
N VAL A 253 5.53 -5.47 13.88
CA VAL A 253 5.58 -5.99 12.53
C VAL A 253 5.56 -7.52 12.61
N TYR A 254 4.64 -8.14 11.88
CA TYR A 254 4.54 -9.59 11.83
C TYR A 254 5.11 -10.13 10.53
N ILE A 255 5.85 -11.23 10.63
CA ILE A 255 6.41 -11.92 9.47
C ILE A 255 6.01 -13.38 9.53
N TRP A 256 5.36 -13.88 8.48
CA TRP A 256 4.94 -15.26 8.37
C TRP A 256 5.71 -15.99 7.27
N ASN A 257 5.84 -17.31 7.46
CA ASN A 257 6.27 -18.19 6.37
C ASN A 257 5.12 -18.36 5.38
N LEU A 258 5.39 -18.02 4.11
CA LEU A 258 4.34 -18.08 3.08
C LEU A 258 3.70 -19.46 3.00
N GLN A 259 4.52 -20.52 3.06
CA GLN A 259 4.03 -21.87 2.78
C GLN A 259 3.47 -22.56 4.01
N THR A 260 4.13 -22.44 5.17
CA THR A 260 3.68 -23.10 6.39
C THR A 260 2.69 -22.27 7.20
N LYS A 261 2.63 -20.96 6.95
CA LYS A 261 1.75 -20.01 7.63
C LYS A 261 2.15 -19.74 9.07
N GLU A 262 3.30 -20.24 9.53
CA GLU A 262 3.77 -19.96 10.88
C GLU A 262 4.36 -18.56 10.97
N ILE A 263 4.15 -17.90 12.11
CA ILE A 263 4.86 -16.68 12.42
C ILE A 263 6.34 -17.00 12.62
N VAL A 264 7.20 -16.29 11.90
CA VAL A 264 8.64 -16.51 12.01
C VAL A 264 9.37 -15.36 12.72
N GLN A 265 8.81 -14.15 12.74
CA GLN A 265 9.42 -13.06 13.49
C GLN A 265 8.37 -12.01 13.82
N LYS A 266 8.55 -11.35 14.97
CA LYS A 266 7.78 -10.18 15.37
C LYS A 266 8.76 -9.07 15.69
N LEU A 267 8.60 -7.91 15.04
CA LEU A 267 9.55 -6.81 15.16
C LEU A 267 9.02 -5.79 16.15
N GLN A 268 9.75 -5.60 17.24
CA GLN A 268 9.35 -4.74 18.35
C GLN A 268 10.16 -3.44 18.32
N GLY A 269 9.46 -2.31 18.28
CA GLY A 269 10.13 -1.03 18.25
C GLY A 269 9.20 0.17 18.23
N HIS A 270 8.07 0.05 17.52
CA HIS A 270 7.13 1.15 17.41
C HIS A 270 6.29 1.28 18.67
N THR A 271 5.75 2.49 18.87
CA THR A 271 4.96 2.81 20.06
C THR A 271 3.52 3.18 19.71
N ASP A 272 3.07 2.84 18.51
CA ASP A 272 1.66 2.98 18.10
C ASP A 272 1.42 1.98 16.98
N VAL A 273 0.17 1.94 16.49
CA VAL A 273 -0.21 0.98 15.46
C VAL A 273 0.74 1.09 14.27
N VAL A 274 1.24 -0.05 13.81
CA VAL A 274 2.07 -0.09 12.60
C VAL A 274 1.09 -0.21 11.43
N ILE A 275 0.85 0.92 10.77
CA ILE A 275 -0.15 0.98 9.70
C ILE A 275 0.41 0.56 8.35
N SER A 276 1.72 0.64 8.17
CA SER A 276 2.30 0.43 6.84
C SER A 276 3.64 -0.28 6.95
N THR A 277 3.85 -1.24 6.05
CA THR A 277 5.14 -1.89 5.87
C THR A 277 5.44 -1.96 4.38
N ALA A 278 6.73 -2.02 4.06
CA ALA A 278 7.18 -2.16 2.67
C ALA A 278 8.47 -3.00 2.65
N CYS A 279 8.66 -3.71 1.55
CA CYS A 279 9.82 -4.58 1.38
C CYS A 279 10.70 -4.08 0.24
N HIS A 280 12.00 -3.99 0.49
CA HIS A 280 12.93 -3.47 -0.50
C HIS A 280 13.01 -4.41 -1.71
N PRO A 281 13.15 -3.86 -2.92
CA PRO A 281 13.08 -4.71 -4.13
C PRO A 281 14.26 -5.67 -4.30
N THR A 282 15.44 -5.36 -3.77
CA THR A 282 16.60 -6.23 -3.99
C THR A 282 17.33 -6.65 -2.73
N GLU A 283 17.22 -5.92 -1.62
CA GLU A 283 17.86 -6.30 -0.37
C GLU A 283 16.80 -6.70 0.66
N ASN A 284 17.23 -7.46 1.66
CA ASN A 284 16.34 -7.89 2.76
C ASN A 284 16.19 -6.73 3.73
N ILE A 285 15.37 -5.75 3.35
CA ILE A 285 15.13 -4.54 4.13
C ILE A 285 13.64 -4.30 4.21
N ILE A 286 13.15 -4.06 5.42
CA ILE A 286 11.75 -3.74 5.66
C ILE A 286 11.66 -2.32 6.21
N ALA A 287 10.72 -1.54 5.69
CA ALA A 287 10.35 -0.26 6.26
C ALA A 287 8.98 -0.38 6.94
N SER A 288 8.84 0.24 8.10
CA SER A 288 7.60 0.21 8.87
C SER A 288 7.26 1.61 9.35
N ALA A 289 5.97 1.90 9.50
CA ALA A 289 5.53 3.25 9.86
C ALA A 289 4.34 3.15 10.81
N ALA A 290 4.25 4.09 11.74
CA ALA A 290 3.30 4.01 12.85
C ALA A 290 2.49 5.29 12.98
N LEU A 291 1.44 5.22 13.81
CA LEU A 291 0.42 6.25 13.90
C LEU A 291 0.82 7.32 14.93
N GLU A 292 -0.16 8.07 15.45
CA GLU A 292 0.08 9.42 15.96
C GLU A 292 0.96 9.46 17.20
N ASN A 293 0.91 8.42 18.05
N ASN A 293 0.91 8.42 18.05
CA ASN A 293 1.77 8.43 19.23
CA ASN A 293 1.75 8.40 19.24
C ASN A 293 3.23 8.20 18.89
C ASN A 293 3.21 8.08 18.93
N ASP A 294 3.52 7.71 17.69
CA ASP A 294 4.86 7.33 17.29
C ASP A 294 5.43 8.28 16.25
N LYS A 295 4.82 8.37 15.08
CA LYS A 295 5.14 9.31 14.00
C LYS A 295 6.48 9.01 13.32
N THR A 296 7.07 7.83 13.52
CA THR A 296 8.35 7.53 12.92
C THR A 296 8.25 6.37 11.93
N ILE A 297 9.27 6.29 11.10
CA ILE A 297 9.51 5.18 10.18
C ILE A 297 10.74 4.44 10.68
N LYS A 298 10.72 3.12 10.59
CA LYS A 298 11.87 2.32 11.00
C LYS A 298 12.34 1.43 9.85
N LEU A 299 13.66 1.30 9.73
CA LEU A 299 14.29 0.44 8.72
C LEU A 299 14.91 -0.75 9.42
N TRP A 300 14.56 -1.96 8.97
CA TRP A 300 15.06 -3.21 9.53
C TRP A 300 15.77 -4.00 8.45
N LYS A 301 16.84 -4.71 8.81
CA LYS A 301 17.62 -5.47 7.85
C LYS A 301 17.88 -6.87 8.36
N SER A 302 17.88 -7.84 7.44
CA SER A 302 18.01 -9.25 7.77
C SER A 302 19.02 -9.92 6.84
N ASP A 303 19.52 -11.07 7.28
CA ASP A 303 20.45 -11.87 6.49
C ASP A 303 19.74 -12.76 5.47
N CYS A 304 18.43 -12.95 5.62
CA CYS A 304 17.68 -13.80 4.71
C CYS A 304 16.19 -13.45 4.74
C06 Q1G B . 5.38 -15.54 -4.28
C18 Q1G B . 2.34 -21.36 -2.94
C17 Q1G B . 3.57 -20.56 -3.61
C16 Q1G B . 3.40 -19.40 -4.42
C19 Q1G B . 0.89 -21.00 -3.40
C20 Q1G B . 0.55 -22.50 -3.29
C21 Q1G B . 2.05 -22.78 -3.54
C22 Q1G B . 2.53 -21.40 -1.48
C24 Q1G B . 4.90 -21.01 -3.43
C11 Q1G B . 7.75 -15.08 -4.32
C02 Q1G B . 5.79 -19.23 -4.79
C03 Q1G B . 4.50 -18.74 -4.99
C12 Q1G B . 6.58 -15.47 -4.98
O01 Q1G B . 6.90 -18.64 -5.32
N04 Q1G B . 4.30 -17.56 -5.82
S05 Q1G B . 3.92 -16.05 -5.12
C07 Q1G B . 5.31 -15.20 -2.93
C08 Q1G B . 6.48 -14.80 -2.28
BR9 Q1G B . 6.42 -14.33 -0.44
C10 Q1G B . 7.69 -14.73 -2.96
O13 Q1G B . 6.71 -15.79 -6.31
O14 Q1G B . 3.72 -15.09 -6.20
O15 Q1G B . 2.90 -16.29 -4.11
N23 Q1G B . 2.66 -21.44 -0.34
C25 Q1G B . 5.99 -20.37 -4.01
#